data_2M2C
#
_entry.id   2M2C
#
loop_
_entity.id
_entity.type
_entity.pdbx_description
1 polymer "DNA (5'-D(*GP*CP*GP*CP*AP*TP*GP*CP*TP*AP*CP*GP*CP*G)-3')"
2 polymer "DNA (5'-D(*CP*GP*CP*GP*TP*AP*GP*CP*AP*TP*GP*CP*GP*C)-3')"
#
loop_
_entity_poly.entity_id
_entity_poly.type
_entity_poly.pdbx_seq_one_letter_code
_entity_poly.pdbx_strand_id
1 'polydeoxyribonucleotide' (DG)(DC)(DG)(DC)(DA)(DT)(DG)(DC)(DT)(DA)(DC)(DG)(DC)(DG) A
2 'polydeoxyribonucleotide' (DC)(DG)(DC)(DG)(DT)(DA)(DG)(DC)(DA)(DT)(DG)(DC)(DG)(DC) B
#
loop_
_chem_comp.id
_chem_comp.type
_chem_comp.name
_chem_comp.formula
DA DNA linking 2'-DEOXYADENOSINE-5'-MONOPHOSPHATE 'C10 H14 N5 O6 P'
DC DNA linking 2'-DEOXYCYTIDINE-5'-MONOPHOSPHATE 'C9 H14 N3 O7 P'
DG DNA linking 2'-DEOXYGUANOSINE-5'-MONOPHOSPHATE 'C10 H14 N5 O7 P'
DT DNA linking THYMIDINE-5'-MONOPHOSPHATE 'C10 H15 N2 O8 P'
#